data_6JVJ
#
_entry.id   6JVJ
#
_cell.length_a   59.017
_cell.length_b   67.491
_cell.length_c   79.258
_cell.angle_alpha   90.000
_cell.angle_beta   90.000
_cell.angle_gamma   90.000
#
_symmetry.space_group_name_H-M   'P 21 21 21'
#
loop_
_entity.id
_entity.type
_entity.pdbx_description
1 polymer '7,8-dihydro-8-oxoguanine triphosphatase'
2 non-polymer 5-ethyl-N4-methyl-6-piperidin-1-yl-pyrimidine-2,4-diamine
3 water water
#
_entity_poly.entity_id   1
_entity_poly.type   'polypeptide(L)'
_entity_poly.pdbx_seq_one_letter_code
;MGASRLYTLVLVLQPQRVLLGMKKRGFGAGRWNGFGGKVQEGETIEDGARRELQEESGLTVDALHKVGQIVFEFVGEPEL
MDVHVFCTDSIQGTPVESDEMRPCWFQLDQIPFKDMWPDDSYWFPLLLQKKKFHGYFKFQGQDTILDYTLREVDTV
;
_entity_poly.pdbx_strand_id   A,B
#
loop_
_chem_comp.id
_chem_comp.type
_chem_comp.name
_chem_comp.formula
C9L non-polymer 5-ethyl-N4-methyl-6-piperidin-1-yl-pyrimidine-2,4-diamine 'C12 H21 N5'
#
# COMPACT_ATOMS: atom_id res chain seq x y z
N ALA A 3 -3.09 -7.94 -19.81
CA ALA A 3 -1.70 -8.32 -19.66
C ALA A 3 -0.86 -7.13 -19.20
N SER A 4 0.46 -7.24 -19.31
CA SER A 4 1.32 -6.20 -18.79
C SER A 4 2.54 -6.03 -19.69
N ARG A 5 3.16 -4.87 -19.58
CA ARG A 5 4.35 -4.57 -20.35
C ARG A 5 5.44 -4.26 -19.34
N LEU A 6 6.64 -4.80 -19.56
CA LEU A 6 7.74 -4.52 -18.64
C LEU A 6 8.41 -3.20 -18.96
N TYR A 7 8.75 -2.46 -17.90
CA TYR A 7 9.54 -1.25 -17.97
C TYR A 7 10.61 -1.30 -16.92
N THR A 8 11.59 -0.41 -17.04
CA THR A 8 12.66 -0.29 -16.07
C THR A 8 12.78 1.14 -15.60
N LEU A 9 13.36 1.28 -14.42
CA LEU A 9 13.58 2.58 -13.83
C LEU A 9 14.84 2.44 -13.00
N VAL A 10 15.78 3.35 -13.22
CA VAL A 10 17.11 3.30 -12.62
C VAL A 10 17.32 4.61 -11.90
N LEU A 11 17.61 4.51 -10.60
CA LEU A 11 17.91 5.65 -9.76
C LEU A 11 19.35 5.52 -9.32
N VAL A 12 20.16 6.52 -9.62
CA VAL A 12 21.53 6.56 -9.10
C VAL A 12 21.47 7.33 -7.79
N LEU A 13 21.60 6.61 -6.68
CA LEU A 13 21.47 7.14 -5.32
C LEU A 13 22.83 7.09 -4.65
N GLN A 14 23.42 8.21 -4.45
CA GLN A 14 24.67 8.42 -3.77
C GLN A 14 24.41 8.98 -2.38
N PRO A 15 25.34 8.76 -1.43
CA PRO A 15 25.09 9.12 -0.02
C PRO A 15 24.36 10.44 0.21
N GLN A 16 24.76 11.50 -0.50
CA GLN A 16 24.17 12.82 -0.28
C GLN A 16 23.43 13.36 -1.49
N ARG A 17 23.15 12.54 -2.50
CA ARG A 17 22.52 13.11 -3.69
C ARG A 17 21.98 11.99 -4.57
N VAL A 18 21.01 12.35 -5.40
CA VAL A 18 20.34 11.41 -6.28
C VAL A 18 20.34 12.04 -7.67
N LEU A 19 20.50 11.22 -8.70
CA LEU A 19 20.57 11.71 -10.07
C LEU A 19 19.19 11.61 -10.71
N LEU A 20 18.74 12.71 -11.30
CA LEU A 20 17.46 12.68 -11.98
C LEU A 20 17.62 13.30 -13.35
N GLY A 21 16.68 13.01 -14.22
CA GLY A 21 16.73 13.53 -15.58
C GLY A 21 15.41 14.20 -15.92
N MET A 22 15.51 15.37 -16.54
CA MET A 22 14.31 16.05 -16.99
C MET A 22 13.94 15.48 -18.36
N LYS A 23 12.77 14.85 -18.44
CA LYS A 23 12.31 14.23 -19.69
C LYS A 23 11.98 15.32 -20.70
N LYS A 24 12.67 15.32 -21.85
CA LYS A 24 12.57 16.42 -22.81
C LYS A 24 11.53 16.18 -23.90
N ARG A 25 11.11 14.95 -24.13
CA ARG A 25 10.17 14.66 -25.21
C ARG A 25 9.48 13.36 -24.90
N GLY A 26 8.34 13.13 -25.56
CA GLY A 26 7.65 11.87 -25.39
C GLY A 26 6.88 11.77 -24.09
N PHE A 27 6.64 10.52 -23.68
CA PHE A 27 5.87 10.18 -22.49
C PHE A 27 6.52 10.67 -21.21
N GLY A 28 5.79 11.49 -20.47
CA GLY A 28 6.27 12.10 -19.23
C GLY A 28 7.14 13.31 -19.41
N ALA A 29 7.06 13.98 -20.57
CA ALA A 29 7.86 15.18 -20.82
C ALA A 29 7.57 16.25 -19.77
N GLY A 30 8.63 16.92 -19.32
CA GLY A 30 8.50 18.00 -18.37
C GLY A 30 8.51 17.55 -16.93
N ARG A 31 8.90 16.32 -16.64
CA ARG A 31 8.95 15.84 -15.28
C ARG A 31 10.32 15.22 -15.02
N TRP A 32 10.87 15.44 -13.83
CA TRP A 32 12.08 14.73 -13.49
C TRP A 32 11.78 13.28 -13.15
N ASN A 33 12.77 12.42 -13.36
CA ASN A 33 12.56 11.00 -13.10
C ASN A 33 13.90 10.27 -13.26
N GLY A 34 13.90 9.00 -12.89
CA GLY A 34 15.05 8.16 -13.14
C GLY A 34 15.12 7.80 -14.61
N PHE A 35 16.09 6.97 -14.95
CA PHE A 35 16.26 6.62 -16.35
C PHE A 35 15.66 5.25 -16.58
N GLY A 36 15.22 4.98 -17.79
CA GLY A 36 14.55 3.72 -18.02
C GLY A 36 13.57 3.82 -19.18
N GLY A 37 12.70 2.83 -19.26
CA GLY A 37 11.85 2.70 -20.42
C GLY A 37 11.49 1.25 -20.66
N LYS A 38 10.98 1.00 -21.87
CA LYS A 38 10.52 -0.33 -22.26
C LYS A 38 11.65 -1.34 -22.29
N VAL A 39 11.37 -2.53 -21.79
CA VAL A 39 12.26 -3.67 -22.02
C VAL A 39 12.00 -4.20 -23.43
N GLN A 40 13.07 -4.47 -24.16
CA GLN A 40 12.86 -4.99 -25.49
C GLN A 40 12.83 -6.51 -25.48
N GLU A 41 12.25 -7.06 -26.52
CA GLU A 41 12.41 -8.49 -26.79
C GLU A 41 13.89 -8.79 -26.99
N GLY A 42 14.36 -9.84 -26.35
CA GLY A 42 15.73 -10.27 -26.53
C GLY A 42 16.70 -9.81 -25.48
N GLU A 43 16.25 -9.05 -24.48
CA GLU A 43 17.16 -8.59 -23.44
C GLU A 43 16.51 -8.87 -22.09
N THR A 44 17.34 -9.13 -21.08
CA THR A 44 16.81 -9.21 -19.73
C THR A 44 16.31 -7.83 -19.30
N ILE A 45 15.49 -7.83 -18.24
CA ILE A 45 15.09 -6.57 -17.61
C ILE A 45 16.30 -5.74 -17.22
N GLU A 46 17.23 -6.35 -16.49
CA GLU A 46 18.44 -5.65 -16.07
C GLU A 46 19.23 -5.16 -17.29
N ASP A 47 19.31 -5.99 -18.34
CA ASP A 47 19.93 -5.53 -19.58
C ASP A 47 19.25 -4.27 -20.07
N GLY A 48 17.91 -4.26 -20.10
CA GLY A 48 17.20 -3.10 -20.61
C GLY A 48 17.41 -1.87 -19.74
N ALA A 49 17.53 -2.07 -18.43
CA ALA A 49 17.84 -0.96 -17.52
C ALA A 49 19.22 -0.38 -17.83
N ARG A 50 20.22 -1.25 -18.02
CA ARG A 50 21.54 -0.75 -18.39
C ARG A 50 21.50 -0.03 -19.74
N ARG A 51 20.76 -0.58 -20.69
CA ARG A 51 20.67 -0.01 -22.02
C ARG A 51 20.04 1.39 -21.97
N GLU A 52 18.92 1.54 -21.26
CA GLU A 52 18.28 2.84 -21.23
C GLU A 52 19.06 3.85 -20.38
N LEU A 53 19.75 3.38 -19.33
CA LEU A 53 20.66 4.25 -18.61
C LEU A 53 21.70 4.84 -19.57
N GLN A 54 22.41 3.95 -20.30
CA GLN A 54 23.41 4.41 -21.27
C GLN A 54 22.79 5.36 -22.30
N GLU A 55 21.62 5.03 -22.85
CA GLU A 55 21.06 5.84 -23.91
C GLU A 55 20.69 7.24 -23.41
N GLU A 56 20.14 7.33 -22.21
CA GLU A 56 19.59 8.62 -21.76
C GLU A 56 20.59 9.47 -20.99
N SER A 57 21.67 8.88 -20.49
CA SER A 57 22.66 9.62 -19.70
C SER A 57 24.11 9.35 -20.08
N GLY A 58 24.38 8.43 -21.00
CA GLY A 58 25.74 8.03 -21.28
C GLY A 58 26.37 7.12 -20.24
N LEU A 59 25.69 6.85 -19.13
CA LEU A 59 26.30 6.16 -18.00
C LEU A 59 26.23 4.65 -18.13
N THR A 60 27.26 4.00 -17.61
CA THR A 60 27.30 2.56 -17.39
C THR A 60 27.51 2.32 -15.91
N VAL A 61 27.07 1.16 -15.44
CA VAL A 61 27.22 0.77 -14.05
C VAL A 61 27.81 -0.62 -13.98
N ASP A 62 28.36 -0.95 -12.81
CA ASP A 62 28.82 -2.30 -12.50
C ASP A 62 27.72 -3.17 -11.91
N ALA A 63 27.01 -2.69 -10.92
CA ALA A 63 25.93 -3.48 -10.36
C ALA A 63 24.70 -2.60 -10.22
N LEU A 64 23.58 -3.08 -10.73
CA LEU A 64 22.29 -2.55 -10.31
C LEU A 64 21.64 -3.52 -9.36
N HIS A 65 20.99 -2.99 -8.35
CA HIS A 65 20.30 -3.79 -7.37
C HIS A 65 18.81 -3.60 -7.56
N LYS A 66 18.07 -4.71 -7.52
CA LYS A 66 16.62 -4.63 -7.54
C LYS A 66 16.16 -4.00 -6.24
N VAL A 67 15.41 -2.91 -6.32
CA VAL A 67 14.86 -2.29 -5.13
C VAL A 67 13.35 -2.21 -5.15
N GLY A 68 12.71 -2.22 -6.32
CA GLY A 68 11.27 -2.09 -6.32
C GLY A 68 10.59 -2.70 -7.52
N GLN A 69 9.28 -2.84 -7.38
CA GLN A 69 8.38 -3.18 -8.47
C GLN A 69 7.13 -2.34 -8.26
N ILE A 70 6.76 -1.56 -9.25
CA ILE A 70 5.53 -0.78 -9.19
C ILE A 70 4.70 -1.11 -10.42
N VAL A 71 3.45 -1.52 -10.19
CA VAL A 71 2.48 -1.76 -11.25
C VAL A 71 1.62 -0.53 -11.39
N PHE A 72 1.44 -0.06 -12.62
CA PHE A 72 0.58 1.07 -12.93
C PHE A 72 -0.56 0.63 -13.83
N GLU A 73 -1.76 1.08 -13.49
CA GLU A 73 -2.89 1.02 -14.39
C GLU A 73 -3.23 2.45 -14.78
N PHE A 74 -3.41 2.68 -16.08
CA PHE A 74 -4.00 3.89 -16.58
C PHE A 74 -5.40 3.55 -17.09
N VAL A 75 -6.41 4.27 -16.60
CA VAL A 75 -7.79 4.00 -16.96
C VAL A 75 -7.95 4.05 -18.48
N GLY A 76 -8.61 3.04 -19.04
CA GLY A 76 -8.81 2.98 -20.47
C GLY A 76 -7.64 2.45 -21.28
N GLU A 77 -6.48 2.17 -20.64
CA GLU A 77 -5.35 1.58 -21.34
C GLU A 77 -5.25 0.10 -21.00
N PRO A 78 -5.20 -0.78 -22.01
CA PRO A 78 -5.35 -2.21 -21.71
C PRO A 78 -4.17 -2.82 -20.97
N GLU A 79 -2.95 -2.39 -21.24
CA GLU A 79 -1.78 -3.02 -20.67
C GLU A 79 -1.34 -2.30 -19.40
N LEU A 80 -1.25 -3.05 -18.31
CA LEU A 80 -0.60 -2.58 -17.09
C LEU A 80 0.86 -2.30 -17.40
N MET A 81 1.44 -1.33 -16.70
CA MET A 81 2.87 -1.05 -16.79
C MET A 81 3.55 -1.68 -15.59
N ASP A 82 4.45 -2.63 -15.82
CA ASP A 82 5.12 -3.34 -14.74
C ASP A 82 6.56 -2.81 -14.69
N VAL A 83 6.78 -1.86 -13.78
CA VAL A 83 8.05 -1.13 -13.69
C VAL A 83 8.94 -1.82 -12.65
N HIS A 84 10.13 -2.23 -13.05
CA HIS A 84 11.11 -2.76 -12.12
C HIS A 84 12.12 -1.64 -11.81
N VAL A 85 12.18 -1.25 -10.54
CA VAL A 85 13.00 -0.16 -10.05
C VAL A 85 14.34 -0.72 -9.59
N PHE A 86 15.42 -0.14 -10.09
CA PHE A 86 16.78 -0.45 -9.67
C PHE A 86 17.46 0.78 -9.12
N CYS A 87 18.45 0.54 -8.27
CA CYS A 87 19.29 1.63 -7.81
C CYS A 87 20.73 1.16 -7.82
N THR A 88 21.62 2.14 -7.83
CA THR A 88 23.06 1.91 -7.79
C THR A 88 23.68 3.14 -7.14
N ASP A 89 24.78 2.90 -6.43
CA ASP A 89 25.60 4.00 -5.93
C ASP A 89 26.73 4.32 -6.90
N SER A 90 27.55 3.31 -7.21
CA SER A 90 28.75 3.47 -8.03
C SER A 90 28.38 3.46 -9.51
N ILE A 91 28.59 4.58 -10.21
CA ILE A 91 28.36 4.66 -11.65
C ILE A 91 29.69 4.81 -12.37
N GLN A 92 29.65 4.64 -13.69
CA GLN A 92 30.83 4.76 -14.56
C GLN A 92 30.58 5.88 -15.56
N GLY A 93 31.32 6.98 -15.40
CA GLY A 93 31.26 8.13 -16.28
C GLY A 93 30.58 9.31 -15.62
N THR A 94 30.52 10.39 -16.38
CA THR A 94 29.82 11.59 -15.96
C THR A 94 28.58 11.71 -16.80
N PRO A 95 27.42 11.93 -16.19
CA PRO A 95 26.16 11.91 -16.96
C PRO A 95 26.14 13.09 -17.90
N VAL A 96 25.59 12.87 -19.09
CA VAL A 96 25.46 13.92 -20.09
C VAL A 96 24.04 13.88 -20.66
N GLU A 97 23.65 15.01 -21.23
CA GLU A 97 22.30 15.18 -21.77
C GLU A 97 22.12 14.32 -23.02
N SER A 98 20.95 13.70 -23.16
CA SER A 98 20.53 13.00 -24.36
C SER A 98 19.42 13.80 -25.04
N ASP A 99 18.94 13.28 -26.16
CA ASP A 99 17.70 13.81 -26.74
C ASP A 99 16.51 13.62 -25.80
N GLU A 100 16.59 12.67 -24.88
CA GLU A 100 15.46 12.30 -24.05
C GLU A 100 15.52 12.89 -22.65
N MET A 101 16.71 13.16 -22.13
CA MET A 101 16.88 13.44 -20.72
C MET A 101 17.97 14.48 -20.52
N ARG A 102 17.71 15.41 -19.59
CA ARG A 102 18.73 16.36 -19.12
C ARG A 102 19.08 16.07 -17.67
N PRO A 103 20.26 15.50 -17.39
CA PRO A 103 20.55 15.00 -16.04
C PRO A 103 20.98 16.11 -15.08
N CYS A 104 20.72 15.87 -13.80
CA CYS A 104 21.01 16.83 -12.76
C CYS A 104 21.05 16.13 -11.41
N TRP A 105 22.04 16.46 -10.58
CA TRP A 105 22.09 15.91 -9.23
C TRP A 105 21.23 16.73 -8.27
N PHE A 106 20.63 16.06 -7.29
CA PHE A 106 19.77 16.70 -6.29
C PHE A 106 20.17 16.25 -4.90
N GLN A 107 20.29 17.21 -3.98
CA GLN A 107 20.46 16.84 -2.59
C GLN A 107 19.22 16.07 -2.15
N LEU A 108 19.43 15.15 -1.20
CA LEU A 108 18.33 14.26 -0.81
C LEU A 108 17.19 15.01 -0.12
N ASP A 109 17.43 16.21 0.38
CA ASP A 109 16.37 17.04 0.94
C ASP A 109 15.76 18.01 -0.06
N GLN A 110 16.17 17.98 -1.33
CA GLN A 110 15.62 18.91 -2.31
C GLN A 110 15.08 18.20 -3.54
N ILE A 111 14.59 16.98 -3.33
CA ILE A 111 14.00 16.19 -4.42
C ILE A 111 12.77 16.91 -4.96
N PRO A 112 12.69 17.14 -6.31
CA PRO A 112 11.65 18.02 -6.89
C PRO A 112 10.30 17.34 -7.04
N PHE A 113 9.69 16.93 -5.91
CA PHE A 113 8.52 16.07 -6.00
C PHE A 113 7.38 16.70 -6.81
N LYS A 114 7.21 18.01 -6.71
CA LYS A 114 6.07 18.62 -7.42
C LYS A 114 6.26 18.62 -8.93
N ASP A 115 7.49 18.45 -9.44
CA ASP A 115 7.68 18.24 -10.87
C ASP A 115 8.11 16.83 -11.19
N MET A 116 7.62 15.85 -10.42
CA MET A 116 7.78 14.44 -10.70
C MET A 116 6.43 13.76 -10.77
N TRP A 117 6.41 12.52 -11.28
CA TRP A 117 5.19 11.74 -11.23
C TRP A 117 4.64 11.73 -9.79
N PRO A 118 3.33 11.86 -9.61
CA PRO A 118 2.80 11.98 -8.25
C PRO A 118 3.13 10.78 -7.37
N ASP A 119 3.16 9.57 -7.96
CA ASP A 119 3.41 8.37 -7.15
C ASP A 119 4.78 8.42 -6.49
N ASP A 120 5.71 9.19 -7.06
CA ASP A 120 7.06 9.23 -6.50
C ASP A 120 7.01 9.69 -5.05
N SER A 121 6.14 10.69 -4.75
CA SER A 121 6.05 11.15 -3.37
C SER A 121 5.74 10.00 -2.42
N TYR A 122 5.04 8.99 -2.90
CA TYR A 122 4.68 7.87 -2.03
C TYR A 122 5.82 6.88 -1.87
N TRP A 123 6.55 6.55 -2.93
CA TRP A 123 7.47 5.42 -2.76
C TRP A 123 8.93 5.83 -2.67
N PHE A 124 9.29 7.04 -3.12
CA PHE A 124 10.66 7.50 -2.96
C PHE A 124 11.21 7.42 -1.54
N PRO A 125 10.46 7.73 -0.48
CA PRO A 125 11.02 7.55 0.87
C PRO A 125 11.53 6.14 1.11
N LEU A 126 10.76 5.12 0.70
CA LEU A 126 11.21 3.74 0.83
C LEU A 126 12.52 3.52 0.09
N LEU A 127 12.64 4.10 -1.11
CA LEU A 127 13.93 4.05 -1.81
C LEU A 127 15.03 4.67 -0.95
N LEU A 128 14.77 5.86 -0.40
CA LEU A 128 15.85 6.53 0.30
C LEU A 128 16.20 5.83 1.59
N GLN A 129 15.31 4.99 2.12
CA GLN A 129 15.57 4.18 3.29
C GLN A 129 16.22 2.84 2.96
N LYS A 130 16.56 2.60 1.69
CA LYS A 130 17.14 1.32 1.27
C LYS A 130 16.20 0.16 1.65
N LYS A 131 14.90 0.40 1.56
CA LYS A 131 13.88 -0.62 1.75
C LYS A 131 13.36 -1.06 0.38
N LYS A 132 13.03 -2.35 0.27
CA LYS A 132 12.51 -2.92 -0.96
C LYS A 132 10.98 -2.95 -0.91
N PHE A 133 10.33 -2.63 -2.03
CA PHE A 133 8.90 -2.36 -2.03
C PHE A 133 8.21 -2.92 -3.26
N HIS A 134 6.93 -3.24 -3.09
CA HIS A 134 5.98 -3.45 -4.16
C HIS A 134 4.94 -2.34 -4.08
N GLY A 135 4.66 -1.74 -5.23
CA GLY A 135 3.71 -0.66 -5.30
C GLY A 135 2.70 -0.90 -6.41
N TYR A 136 1.54 -0.28 -6.25
CA TYR A 136 0.51 -0.30 -7.28
C TYR A 136 -0.17 1.05 -7.31
N PHE A 137 -0.26 1.66 -8.49
CA PHE A 137 -0.91 2.94 -8.60
C PHE A 137 -1.87 2.89 -9.77
N LYS A 138 -3.08 3.39 -9.58
CA LYS A 138 -4.05 3.51 -10.66
C LYS A 138 -4.22 5.00 -10.96
N PHE A 139 -4.01 5.37 -12.22
CA PHE A 139 -4.03 6.75 -12.65
C PHE A 139 -5.22 7.00 -13.56
N GLN A 140 -5.84 8.16 -13.40
CA GLN A 140 -6.74 8.72 -14.39
C GLN A 140 -5.96 9.84 -15.07
N GLY A 141 -5.60 9.63 -16.34
CA GLY A 141 -4.69 10.61 -16.86
C GLY A 141 -3.35 10.54 -16.15
N GLN A 142 -2.67 11.69 -16.06
CA GLN A 142 -1.29 11.68 -15.61
C GLN A 142 -1.04 12.44 -14.32
N ASP A 143 -2.08 13.00 -13.70
CA ASP A 143 -1.94 13.77 -12.47
C ASP A 143 -2.71 13.21 -11.29
N THR A 144 -3.71 12.38 -11.52
CA THR A 144 -4.67 11.96 -10.49
C THR A 144 -4.46 10.49 -10.19
N ILE A 145 -4.05 10.21 -8.95
CA ILE A 145 -4.00 8.84 -8.45
C ILE A 145 -5.35 8.51 -7.84
N LEU A 146 -5.99 7.47 -8.35
CA LEU A 146 -7.30 7.09 -7.85
C LEU A 146 -7.21 6.01 -6.78
N ASP A 147 -6.31 5.03 -6.95
CA ASP A 147 -6.11 3.96 -5.99
C ASP A 147 -4.61 3.71 -5.89
N TYR A 148 -4.17 3.22 -4.74
CA TYR A 148 -2.78 2.77 -4.67
C TYR A 148 -2.61 1.87 -3.47
N THR A 149 -1.63 0.99 -3.59
CA THR A 149 -1.15 0.16 -2.50
C THR A 149 0.35 0.23 -2.51
N LEU A 150 0.92 0.14 -1.32
CA LEU A 150 2.37 0.21 -1.18
C LEU A 150 2.77 -0.63 0.02
N ARG A 151 3.68 -1.56 -0.20
CA ARG A 151 4.17 -2.40 0.89
C ARG A 151 5.67 -2.61 0.74
N GLU A 152 6.34 -2.80 1.87
CA GLU A 152 7.73 -3.24 1.88
C GLU A 152 7.79 -4.77 1.79
N VAL A 153 8.78 -5.30 1.06
CA VAL A 153 8.90 -6.72 0.82
C VAL A 153 10.31 -7.19 1.17
N ASP A 154 10.48 -8.51 1.24
CA ASP A 154 11.79 -9.10 1.47
C ASP A 154 12.54 -9.38 0.18
N THR A 155 11.85 -9.86 -0.85
CA THR A 155 12.42 -10.10 -2.16
C THR A 155 11.61 -9.32 -3.18
N VAL A 156 12.29 -8.51 -3.99
CA VAL A 156 11.64 -7.82 -5.09
C VAL A 156 11.36 -8.80 -6.24
N GLY B 2 -11.56 15.38 7.55
CA GLY B 2 -12.99 15.12 7.62
C GLY B 2 -13.47 14.64 8.98
N ALA B 3 -14.65 15.11 9.40
CA ALA B 3 -15.22 14.67 10.67
C ALA B 3 -15.48 13.17 10.64
N SER B 4 -14.97 12.47 11.65
CA SER B 4 -15.01 11.03 11.66
C SER B 4 -15.32 10.54 13.06
N ARG B 5 -15.74 9.27 13.13
CA ARG B 5 -16.12 8.59 14.35
C ARG B 5 -15.24 7.35 14.56
N LEU B 6 -14.82 7.14 15.81
CA LEU B 6 -13.93 6.04 16.13
C LEU B 6 -14.67 4.72 16.28
N TYR B 7 -14.10 3.66 15.72
CA TYR B 7 -14.59 2.31 15.89
C TYR B 7 -13.40 1.43 16.19
N THR B 8 -13.69 0.23 16.69
CA THR B 8 -12.65 -0.76 16.94
C THR B 8 -12.99 -2.02 16.18
N LEU B 9 -11.94 -2.80 15.93
CA LEU B 9 -12.04 -4.07 15.26
C LEU B 9 -10.91 -4.92 15.80
N VAL B 10 -11.26 -6.11 16.29
CA VAL B 10 -10.34 -6.98 17.01
C VAL B 10 -10.39 -8.33 16.33
N LEU B 11 -9.22 -8.81 15.91
CA LEU B 11 -9.06 -10.09 15.26
C LEU B 11 -8.23 -10.98 16.18
N VAL B 12 -8.77 -12.13 16.55
CA VAL B 12 -7.99 -13.13 17.28
C VAL B 12 -7.37 -14.04 16.22
N LEU B 13 -6.05 -13.94 16.07
CA LEU B 13 -5.37 -14.59 14.96
C LEU B 13 -4.59 -15.83 15.39
N VAL B 18 -8.01 -18.29 12.81
CA VAL B 18 -8.54 -16.97 13.12
C VAL B 18 -10.02 -17.02 13.53
N LEU B 19 -10.39 -16.20 14.53
CA LEU B 19 -11.75 -16.17 15.05
C LEU B 19 -12.54 -15.01 14.45
N LEU B 20 -13.75 -15.31 14.00
CA LEU B 20 -14.64 -14.29 13.48
C LEU B 20 -16.03 -14.51 14.08
N GLY B 21 -16.86 -13.51 13.94
CA GLY B 21 -18.21 -13.57 14.47
C GLY B 21 -19.21 -13.20 13.38
N MET B 22 -20.31 -13.92 13.35
CA MET B 22 -21.38 -13.62 12.42
C MET B 22 -22.27 -12.55 13.06
N LYS B 23 -22.35 -11.39 12.42
CA LYS B 23 -23.18 -10.30 12.92
C LYS B 23 -24.65 -10.70 12.78
N LYS B 24 -25.34 -10.86 13.91
CA LYS B 24 -26.67 -11.43 13.96
C LYS B 24 -27.78 -10.38 13.84
N ARG B 25 -27.41 -9.13 13.58
CA ARG B 25 -28.16 -8.08 12.86
C ARG B 25 -27.73 -6.71 13.36
N GLY B 26 -28.07 -5.69 12.59
CA GLY B 26 -27.52 -4.37 12.78
C GLY B 26 -26.74 -3.98 11.56
N PHE B 27 -25.83 -3.03 11.68
CA PHE B 27 -25.02 -2.62 10.55
C PHE B 27 -24.15 -3.79 10.10
N GLY B 28 -24.31 -4.21 8.85
CA GLY B 28 -23.53 -5.34 8.39
C GLY B 28 -24.10 -6.68 8.78
N ALA B 29 -25.41 -6.75 8.98
CA ALA B 29 -26.05 -8.02 9.32
C ALA B 29 -25.75 -9.06 8.25
N GLY B 30 -25.48 -10.28 8.69
CA GLY B 30 -25.25 -11.36 7.76
C GLY B 30 -23.84 -11.50 7.25
N ARG B 31 -22.87 -10.87 7.90
CA ARG B 31 -21.48 -10.95 7.48
C ARG B 31 -20.59 -11.38 8.63
N TRP B 32 -19.56 -12.16 8.32
CA TRP B 32 -18.51 -12.43 9.28
C TRP B 32 -17.60 -11.21 9.35
N ASN B 33 -16.98 -11.01 10.51
CA ASN B 33 -16.13 -9.85 10.75
C ASN B 33 -15.46 -10.07 12.10
N GLY B 34 -14.51 -9.21 12.43
CA GLY B 34 -13.92 -9.23 13.75
C GLY B 34 -14.91 -8.66 14.76
N PHE B 35 -14.44 -8.53 15.98
CA PHE B 35 -15.28 -8.00 17.03
C PHE B 35 -14.97 -6.53 17.24
N GLY B 36 -15.91 -5.77 17.76
CA GLY B 36 -15.65 -4.36 17.90
C GLY B 36 -16.91 -3.55 17.70
N GLY B 37 -16.71 -2.26 17.48
CA GLY B 37 -17.86 -1.36 17.48
C GLY B 37 -17.45 0.05 17.88
N LYS B 38 -18.46 0.80 18.29
CA LYS B 38 -18.26 2.21 18.63
C LYS B 38 -17.39 2.37 19.88
N VAL B 39 -16.49 3.34 19.82
CA VAL B 39 -15.73 3.76 21.00
C VAL B 39 -16.55 4.77 21.80
N GLN B 40 -16.56 4.61 23.12
CA GLN B 40 -17.33 5.47 24.01
C GLN B 40 -16.51 6.66 24.55
N GLU B 41 -17.23 7.71 24.94
CA GLU B 41 -16.61 8.80 25.69
C GLU B 41 -16.10 8.27 27.03
N GLY B 42 -14.86 8.62 27.39
CA GLY B 42 -14.33 8.23 28.68
C GLY B 42 -13.46 6.99 28.71
N GLU B 43 -13.22 6.35 27.56
CA GLU B 43 -12.40 5.14 27.50
C GLU B 43 -11.38 5.29 26.38
N THR B 44 -10.22 4.66 26.54
CA THR B 44 -9.25 4.59 25.45
C THR B 44 -9.79 3.75 24.29
N ILE B 45 -9.19 3.94 23.12
CA ILE B 45 -9.49 3.08 21.96
C ILE B 45 -9.29 1.62 22.32
N GLU B 46 -8.12 1.29 22.87
CA GLU B 46 -7.85 -0.09 23.27
C GLU B 46 -8.85 -0.57 24.31
N ASP B 47 -9.15 0.26 25.32
CA ASP B 47 -10.15 -0.14 26.30
C ASP B 47 -11.45 -0.52 25.62
N GLY B 48 -11.89 0.29 24.65
CA GLY B 48 -13.15 0.01 23.99
C GLY B 48 -13.07 -1.28 23.17
N ALA B 49 -11.91 -1.56 22.58
CA ALA B 49 -11.75 -2.81 21.84
C ALA B 49 -11.86 -4.00 22.78
N ARG B 50 -11.20 -3.93 23.94
CA ARG B 50 -11.28 -5.02 24.91
C ARG B 50 -12.70 -5.20 25.41
N ARG B 51 -13.37 -4.08 25.66
CA ARG B 51 -14.74 -4.14 26.15
C ARG B 51 -15.66 -4.77 25.11
N GLU B 52 -15.54 -4.38 23.84
CA GLU B 52 -16.44 -4.96 22.85
C GLU B 52 -16.06 -6.41 22.55
N LEU B 53 -14.78 -6.76 22.65
CA LEU B 53 -14.37 -8.16 22.56
C LEU B 53 -15.07 -8.98 23.66
N GLN B 54 -14.86 -8.61 24.93
CA GLN B 54 -15.47 -9.35 26.03
C GLN B 54 -16.98 -9.40 25.87
N GLU B 55 -17.57 -8.28 25.50
CA GLU B 55 -19.02 -8.14 25.44
C GLU B 55 -19.60 -9.08 24.37
N GLU B 56 -18.97 -9.10 23.20
CA GLU B 56 -19.52 -9.81 22.06
C GLU B 56 -19.08 -11.26 21.92
N SER B 57 -18.00 -11.66 22.60
CA SER B 57 -17.53 -13.04 22.50
C SER B 57 -17.26 -13.65 23.87
N GLY B 58 -17.39 -12.89 24.95
CA GLY B 58 -17.04 -13.35 26.28
C GLY B 58 -15.56 -13.38 26.58
N LEU B 59 -14.70 -13.10 25.60
CA LEU B 59 -13.27 -13.28 25.73
C LEU B 59 -12.56 -12.09 26.36
N THR B 60 -11.53 -12.39 27.14
CA THR B 60 -10.63 -11.39 27.69
C THR B 60 -9.23 -11.72 27.21
N VAL B 61 -8.38 -10.70 27.11
CA VAL B 61 -7.01 -10.91 26.64
C VAL B 61 -6.03 -10.19 27.54
N ASP B 62 -4.76 -10.56 27.40
CA ASP B 62 -3.69 -9.91 28.13
C ASP B 62 -3.16 -8.66 27.40
N ALA B 63 -2.90 -8.79 26.11
CA ALA B 63 -2.40 -7.68 25.30
C ALA B 63 -3.15 -7.61 23.98
N LEU B 64 -3.56 -6.41 23.59
CA LEU B 64 -3.87 -6.17 22.18
C LEU B 64 -2.75 -5.36 21.55
N HIS B 65 -2.46 -5.71 20.30
CA HIS B 65 -1.42 -5.06 19.52
C HIS B 65 -2.11 -4.20 18.49
N LYS B 66 -1.79 -2.90 18.50
CA LYS B 66 -2.18 -2.01 17.41
C LYS B 66 -1.73 -2.60 16.08
N VAL B 67 -2.68 -2.85 15.19
CA VAL B 67 -2.35 -3.49 13.93
C VAL B 67 -2.73 -2.61 12.76
N GLY B 68 -3.81 -1.84 12.88
CA GLY B 68 -4.23 -1.12 11.69
C GLY B 68 -5.07 0.09 11.98
N GLN B 69 -5.25 0.88 10.93
CA GLN B 69 -6.22 1.97 10.91
C GLN B 69 -6.81 2.00 9.51
N ILE B 70 -8.13 1.86 9.41
CA ILE B 70 -8.83 1.96 8.13
C ILE B 70 -9.91 3.01 8.26
N VAL B 71 -9.91 3.98 7.37
CA VAL B 71 -10.99 4.96 7.27
C VAL B 71 -11.95 4.48 6.20
N PHE B 72 -13.23 4.52 6.50
CA PHE B 72 -14.26 4.16 5.54
C PHE B 72 -15.10 5.39 5.28
N GLU B 73 -15.35 5.68 4.02
CA GLU B 73 -16.34 6.68 3.66
C GLU B 73 -17.44 5.98 2.89
N PHE B 74 -18.69 6.21 3.29
CA PHE B 74 -19.85 5.73 2.57
C PHE B 74 -20.54 6.91 1.89
N VAL B 75 -20.73 6.78 0.58
CA VAL B 75 -21.43 7.81 -0.19
C VAL B 75 -22.79 8.07 0.43
N GLY B 76 -23.13 9.35 0.58
CA GLY B 76 -24.42 9.74 1.13
C GLY B 76 -24.48 9.72 2.64
N GLU B 77 -23.47 9.20 3.31
CA GLU B 77 -23.34 9.29 4.76
C GLU B 77 -22.22 10.27 5.08
N PRO B 78 -22.50 11.31 5.87
CA PRO B 78 -21.49 12.37 6.07
C PRO B 78 -20.32 11.97 6.94
N GLU B 79 -20.51 11.07 7.90
CA GLU B 79 -19.49 10.78 8.90
C GLU B 79 -18.59 9.65 8.43
N LEU B 80 -17.29 9.94 8.31
CA LEU B 80 -16.28 8.93 8.13
C LEU B 80 -16.24 7.99 9.32
N MET B 81 -15.96 6.71 9.06
CA MET B 81 -15.73 5.74 10.12
C MET B 81 -14.23 5.52 10.25
N ASP B 82 -13.68 5.78 11.43
CA ASP B 82 -12.26 5.66 11.68
C ASP B 82 -12.01 4.42 12.53
N VAL B 83 -11.67 3.32 11.87
CA VAL B 83 -11.59 2.01 12.49
C VAL B 83 -10.14 1.73 12.91
N HIS B 84 -9.94 1.45 14.19
CA HIS B 84 -8.63 1.03 14.67
C HIS B 84 -8.65 -0.47 14.89
N VAL B 85 -7.82 -1.18 14.11
CA VAL B 85 -7.75 -2.64 14.08
C VAL B 85 -6.71 -3.12 15.08
N PHE B 86 -7.10 -4.10 15.90
CA PHE B 86 -6.21 -4.77 16.83
C PHE B 86 -6.19 -6.26 16.55
N CYS B 87 -5.10 -6.91 16.94
CA CYS B 87 -5.08 -8.37 16.89
C CYS B 87 -4.43 -8.91 18.16
N THR B 88 -4.75 -10.17 18.44
CA THR B 88 -4.22 -10.89 19.59
C THR B 88 -4.33 -12.37 19.24
N ASP B 89 -3.36 -13.19 19.65
CA ASP B 89 -3.58 -14.63 19.52
C ASP B 89 -3.91 -15.20 20.90
N SER B 90 -3.11 -14.87 21.92
CA SER B 90 -3.28 -15.44 23.27
C SER B 90 -4.50 -14.81 23.94
N ILE B 91 -5.53 -15.63 24.15
CA ILE B 91 -6.77 -15.20 24.76
C ILE B 91 -6.93 -15.85 26.14
N GLN B 92 -7.92 -15.38 26.89
CA GLN B 92 -8.28 -15.93 28.20
C GLN B 92 -9.74 -16.39 28.14
N GLY B 93 -9.96 -17.71 28.18
CA GLY B 93 -11.30 -18.25 28.19
C GLY B 93 -11.67 -18.92 26.87
N THR B 94 -12.92 -19.39 26.82
CA THR B 94 -13.48 -19.99 25.62
C THR B 94 -14.61 -19.12 25.08
N PRO B 95 -14.60 -18.79 23.78
CA PRO B 95 -15.61 -17.86 23.24
C PRO B 95 -16.99 -18.49 23.23
N VAL B 96 -18.01 -17.66 23.50
CA VAL B 96 -19.41 -18.08 23.45
C VAL B 96 -20.23 -17.02 22.71
N GLU B 97 -21.42 -17.45 22.29
CA GLU B 97 -22.33 -16.63 21.51
C GLU B 97 -22.96 -15.53 22.37
N SER B 98 -23.10 -14.34 21.78
CA SER B 98 -23.82 -13.21 22.35
C SER B 98 -25.12 -12.97 21.58
N ASP B 99 -25.91 -12.00 22.03
CA ASP B 99 -27.06 -11.54 21.25
C ASP B 99 -26.67 -10.86 19.94
N GLU B 100 -25.44 -10.33 19.82
CA GLU B 100 -25.04 -9.56 18.65
C GLU B 100 -24.12 -10.33 17.70
N MET B 101 -23.41 -11.35 18.18
CA MET B 101 -22.35 -12.00 17.42
C MET B 101 -22.40 -13.50 17.67
N ARG B 102 -22.25 -14.28 16.60
CA ARG B 102 -22.10 -15.73 16.77
C ARG B 102 -20.69 -16.11 16.36
N PRO B 103 -19.79 -16.34 17.31
CA PRO B 103 -18.38 -16.56 16.95
C PRO B 103 -18.14 -17.96 16.42
N CYS B 104 -17.09 -18.06 15.59
CA CYS B 104 -16.71 -19.27 14.87
C CYS B 104 -15.26 -19.15 14.46
N TRP B 105 -14.53 -20.24 14.65
CA TRP B 105 -13.16 -20.30 14.18
C TRP B 105 -13.12 -20.71 12.71
N PHE B 106 -12.16 -20.14 12.00
CA PHE B 106 -11.93 -20.42 10.60
C PHE B 106 -10.45 -20.69 10.39
N GLN B 107 -10.17 -21.73 9.62
CA GLN B 107 -8.82 -21.98 9.15
C GLN B 107 -8.31 -20.83 8.30
N LEU B 108 -7.00 -20.62 8.35
CA LEU B 108 -6.44 -19.53 7.59
C LEU B 108 -6.59 -19.75 6.09
N ASP B 109 -6.88 -20.99 5.66
CA ASP B 109 -7.14 -21.31 4.26
C ASP B 109 -8.61 -21.23 3.85
N GLN B 110 -9.54 -21.00 4.80
CA GLN B 110 -10.97 -20.93 4.54
C GLN B 110 -11.57 -19.63 5.07
N ILE B 111 -10.82 -18.55 5.03
CA ILE B 111 -11.39 -17.28 5.47
C ILE B 111 -12.59 -16.96 4.58
N PRO B 112 -13.72 -16.70 5.13
CA PRO B 112 -14.98 -16.61 4.34
C PRO B 112 -15.15 -15.26 3.65
N PHE B 113 -14.24 -14.94 2.71
CA PHE B 113 -14.15 -13.58 2.17
C PHE B 113 -15.40 -13.12 1.47
N LYS B 114 -16.13 -14.05 0.83
CA LYS B 114 -17.32 -13.67 0.09
C LYS B 114 -18.51 -13.37 1.01
N ASP B 115 -18.44 -13.75 2.27
CA ASP B 115 -19.44 -13.35 3.26
C ASP B 115 -18.81 -12.49 4.34
N MET B 116 -17.85 -11.67 3.91
CA MET B 116 -17.27 -10.60 4.69
C MET B 116 -17.38 -9.31 3.89
N TRP B 117 -17.21 -8.17 4.56
CA TRP B 117 -17.12 -6.89 3.87
C TRP B 117 -16.06 -6.99 2.77
N PRO B 118 -16.31 -6.42 1.59
CA PRO B 118 -15.37 -6.62 0.47
C PRO B 118 -13.95 -6.13 0.76
N ASP B 119 -13.76 -5.12 1.60
CA ASP B 119 -12.42 -4.60 1.86
C ASP B 119 -11.49 -5.61 2.53
N ASP B 120 -12.04 -6.61 3.23
CA ASP B 120 -11.20 -7.54 3.98
C ASP B 120 -10.19 -8.27 3.08
N SER B 121 -10.62 -8.71 1.90
CA SER B 121 -9.70 -9.39 0.99
C SER B 121 -8.50 -8.51 0.67
N TYR B 122 -8.64 -7.19 0.75
CA TYR B 122 -7.52 -6.32 0.43
C TYR B 122 -6.52 -6.25 1.57
N TRP B 123 -6.99 -6.15 2.83
CA TRP B 123 -6.00 -5.82 3.86
C TRP B 123 -5.63 -7.01 4.74
N PHE B 124 -6.41 -8.07 4.72
CA PHE B 124 -6.04 -9.30 5.42
C PHE B 124 -4.64 -9.82 5.11
N PRO B 125 -4.15 -9.81 3.86
CA PRO B 125 -2.77 -10.29 3.63
C PRO B 125 -1.78 -9.59 4.52
N LEU B 126 -1.85 -8.25 4.60
CA LEU B 126 -0.96 -7.52 5.49
C LEU B 126 -1.17 -7.95 6.93
N LEU B 127 -2.43 -8.17 7.32
CA LEU B 127 -2.71 -8.67 8.66
C LEU B 127 -1.98 -9.98 8.90
N LEU B 128 -2.08 -10.93 7.96
CA LEU B 128 -1.54 -12.26 8.25
C LEU B 128 -0.02 -12.27 8.23
N GLN B 129 0.59 -11.29 7.58
CA GLN B 129 2.03 -11.16 7.56
C GLN B 129 2.55 -10.40 8.76
N LYS B 130 1.68 -10.10 9.73
CA LYS B 130 2.03 -9.32 10.92
C LYS B 130 2.62 -7.97 10.55
N LYS B 131 2.09 -7.38 9.49
CA LYS B 131 2.44 -6.04 9.06
C LYS B 131 1.36 -5.04 9.47
N LYS B 132 1.79 -3.81 9.72
CA LYS B 132 0.91 -2.72 10.11
C LYS B 132 0.52 -1.90 8.88
N PHE B 133 -0.73 -1.40 8.87
CA PHE B 133 -1.25 -0.76 7.67
C PHE B 133 -2.16 0.40 8.01
N HIS B 134 -2.21 1.36 7.08
CA HIS B 134 -3.25 2.36 7.03
C HIS B 134 -4.06 2.15 5.77
N GLY B 135 -5.38 2.15 5.91
CA GLY B 135 -6.26 1.92 4.80
C GLY B 135 -7.32 2.98 4.68
N TYR B 136 -7.81 3.17 3.45
CA TYR B 136 -8.93 4.03 3.15
C TYR B 136 -9.80 3.37 2.09
N PHE B 137 -11.11 3.30 2.32
CA PHE B 137 -12.04 2.75 1.34
C PHE B 137 -13.26 3.67 1.25
N LYS B 138 -13.68 3.97 0.02
CA LYS B 138 -14.94 4.66 -0.22
C LYS B 138 -15.91 3.66 -0.84
N PHE B 139 -17.09 3.53 -0.22
CA PHE B 139 -18.09 2.53 -0.57
C PHE B 139 -19.29 3.24 -1.17
N GLN B 140 -19.87 2.65 -2.22
CA GLN B 140 -21.20 3.00 -2.69
C GLN B 140 -22.12 1.87 -2.30
N GLY B 141 -23.09 2.17 -1.42
CA GLY B 141 -23.82 1.06 -0.82
C GLY B 141 -22.87 0.26 0.06
N GLN B 142 -23.16 -1.02 0.19
CA GLN B 142 -22.40 -1.87 1.10
C GLN B 142 -21.65 -2.98 0.36
N ASP B 143 -21.69 -3.00 -0.95
CA ASP B 143 -20.99 -4.00 -1.72
C ASP B 143 -19.91 -3.42 -2.62
N THR B 144 -19.97 -2.13 -2.93
CA THR B 144 -19.18 -1.56 -4.01
C THR B 144 -18.11 -0.63 -3.47
N ILE B 145 -16.86 -1.04 -3.65
CA ILE B 145 -15.73 -0.18 -3.37
C ILE B 145 -15.42 0.63 -4.62
N LEU B 146 -15.46 1.94 -4.51
CA LEU B 146 -15.18 2.78 -5.66
C LEU B 146 -13.71 3.15 -5.77
N ASP B 147 -13.07 3.46 -4.65
CA ASP B 147 -11.65 3.74 -4.63
C ASP B 147 -11.12 3.33 -3.26
N TYR B 148 -9.82 3.07 -3.21
CA TYR B 148 -9.20 2.66 -1.96
C TYR B 148 -7.72 2.96 -2.00
N THR B 149 -7.13 3.09 -0.82
CA THR B 149 -5.69 3.13 -0.66
C THR B 149 -5.33 2.20 0.48
N LEU B 150 -4.16 1.59 0.37
CA LEU B 150 -3.70 0.69 1.43
C LEU B 150 -2.19 0.79 1.46
N ARG B 151 -1.63 1.12 2.62
CA ARG B 151 -0.20 1.28 2.73
C ARG B 151 0.30 0.59 3.99
N GLU B 152 1.46 -0.03 3.91
CA GLU B 152 2.08 -0.55 5.12
C GLU B 152 2.83 0.57 5.82
N VAL B 153 2.73 0.62 7.16
CA VAL B 153 3.30 1.71 7.94
C VAL B 153 4.18 1.12 9.02
N ASP B 154 4.97 2.01 9.63
CA ASP B 154 5.78 1.67 10.79
C ASP B 154 5.05 1.93 12.10
N THR B 155 4.30 3.02 12.16
CA THR B 155 3.52 3.39 13.34
C THR B 155 2.06 3.47 12.92
N VAL B 156 1.20 2.71 13.60
CA VAL B 156 -0.24 2.82 13.34
C VAL B 156 -0.75 4.13 13.93
C11 C9L C . 3.00 7.35 -12.95
C13 C9L C . 9.27 4.69 -15.60
C15 C9L C . 9.41 4.41 -18.06
C16 C9L C . 8.13 5.09 -18.20
C17 C9L C . 7.84 6.06 -17.05
C01 C9L C . 4.17 6.30 -16.07
C02 C9L C . 4.95 5.24 -15.31
C03 C9L C . 5.90 5.85 -14.29
C04 C9L C . 7.27 5.90 -14.51
N05 C9L C . 8.00 6.45 -13.56
C06 C9L C . 7.49 6.94 -12.43
N07 C9L C . 8.42 7.52 -11.48
N08 C9L C . 6.18 6.92 -12.21
C09 C9L C . 5.38 6.39 -13.12
N10 C9L C . 3.95 6.28 -12.94
N12 C9L C . 7.89 5.35 -15.70
C14 C9L C . 9.60 3.77 -16.77
C11 C9L D . -16.83 -2.04 4.97
C13 C9L D . -17.98 -2.79 11.23
C15 C9L D . -17.51 -2.06 13.58
C16 C9L D . -16.08 -2.09 13.30
C17 C9L D . -15.77 -1.75 11.84
C01 C9L D . -18.45 -1.26 7.98
C02 C9L D . -17.04 -0.99 8.47
C03 C9L D . -16.18 -2.25 8.41
C04 C9L D . -15.95 -3.01 9.54
N05 C9L D . -15.18 -4.08 9.37
C06 C9L D . -14.68 -4.42 8.19
N07 C9L D . -13.86 -5.61 8.10
N08 C9L D . -14.91 -3.71 7.10
C09 C9L D . -15.68 -2.63 7.19
N10 C9L D . -15.95 -1.76 6.06
N12 C9L D . -16.50 -2.63 10.84
C14 C9L D . -18.25 -2.98 12.73
#